data_5LXI
#
_entry.id   5LXI
#
_cell.length_a   124.888
_cell.length_b   72.377
_cell.length_c   30.620
_cell.angle_alpha   90.00
_cell.angle_beta   99.21
_cell.angle_gamma   90.00
#
_symmetry.space_group_name_H-M   'C 1 2 1'
#
loop_
_entity.id
_entity.type
_entity.pdbx_description
1 polymer 'Gamma-aminobutyric acid receptor-associated protein-like 1'
2 polymer 'Cysteine protease ATG4B'
3 non-polymer 'MAGNESIUM ION'
4 non-polymer 'TRIETHYLENE GLYCOL'
5 non-polymer 1,2-ETHANEDIOL
6 non-polymer 'PEROXIDE ION'
7 non-polymer DI(HYDROXYETHYL)ETHER
8 water water
#
loop_
_entity_poly.entity_id
_entity_poly.type
_entity_poly.pdbx_seq_one_letter_code
_entity_poly.pdbx_strand_id
1 'polypeptide(L)'
;GPTMGSMKFQYKEDHPFEYRKKEGEKIRKKYPDRVPVIVEKAPKARVPDLDKRKYLVPSDLTVGQFYFLIRKRIHLRPED
ALFFFVNNTIPPTSATMGQLYEDNHEEDYFLYVAYSDESVYGK
;
D,B
2 'polypeptide(L)' EDEDFEIL(SEP)L C,E
#
# COMPACT_ATOMS: atom_id res chain seq x y z
N MET A 7 -5.09 -15.91 13.43
CA MET A 7 -4.26 -16.49 12.39
C MET A 7 -3.80 -15.46 11.37
N LYS A 8 -4.51 -15.33 10.24
CA LYS A 8 -3.97 -14.70 9.04
C LYS A 8 -4.18 -13.19 9.05
N PHE A 9 -3.08 -12.43 9.05
CA PHE A 9 -3.17 -10.98 8.86
C PHE A 9 -2.81 -10.63 7.42
N GLN A 10 -3.67 -9.81 6.79
CA GLN A 10 -3.44 -9.41 5.39
C GLN A 10 -2.15 -8.59 5.24
N TYR A 11 -1.76 -7.86 6.29
CA TYR A 11 -0.54 -7.09 6.23
C TYR A 11 0.65 -7.98 5.97
N LYS A 12 0.67 -9.16 6.60
CA LYS A 12 1.77 -10.09 6.37
C LYS A 12 1.75 -10.64 4.95
N GLU A 13 0.58 -10.76 4.32
CA GLU A 13 0.53 -11.23 2.94
C GLU A 13 0.82 -10.11 1.94
N ASP A 14 0.59 -8.85 2.32
CA ASP A 14 0.78 -7.76 1.37
C ASP A 14 2.25 -7.36 1.24
N HIS A 15 3.02 -7.42 2.35
CA HIS A 15 4.41 -7.02 2.34
C HIS A 15 5.35 -8.19 2.64
N PRO A 16 6.43 -8.34 1.88
CA PRO A 16 7.40 -9.40 2.19
C PRO A 16 7.93 -9.24 3.60
N PHE A 17 8.17 -10.39 4.25
CA PHE A 17 8.69 -10.40 5.61
C PHE A 17 9.96 -9.57 5.74
N GLU A 18 10.89 -9.74 4.80
CA GLU A 18 12.19 -9.08 4.89
C GLU A 18 12.02 -7.57 5.02
N TYR A 19 11.01 -7.01 4.36
CA TYR A 19 10.81 -5.57 4.40
C TYR A 19 10.11 -5.15 5.68
N ARG A 20 9.22 -6.00 6.19
CA ARG A 20 8.55 -5.72 7.45
CA ARG A 20 8.55 -5.72 7.45
C ARG A 20 9.55 -5.73 8.61
N LYS A 21 10.41 -6.75 8.65
CA LYS A 21 11.39 -6.82 9.73
C LYS A 21 12.38 -5.67 9.67
N LYS A 22 12.86 -5.32 8.48
CA LYS A 22 13.80 -4.21 8.37
C LYS A 22 13.16 -2.91 8.82
N GLU A 23 11.91 -2.67 8.43
CA GLU A 23 11.20 -1.51 8.96
C GLU A 23 11.03 -1.62 10.46
N GLY A 24 10.53 -2.76 10.94
CA GLY A 24 10.33 -2.94 12.37
C GLY A 24 11.56 -2.62 13.18
N GLU A 25 12.74 -3.01 12.69
CA GLU A 25 13.99 -2.65 13.36
C GLU A 25 14.19 -1.14 13.38
N LYS A 26 14.10 -0.50 12.20
CA LYS A 26 14.31 0.94 12.11
C LYS A 26 13.39 1.69 13.06
N ILE A 27 12.09 1.37 13.00
CA ILE A 27 11.10 2.23 13.62
C ILE A 27 11.20 2.22 15.14
N ARG A 28 11.72 1.14 15.71
CA ARG A 28 11.89 1.08 17.15
C ARG A 28 12.98 2.04 17.61
N LYS A 29 13.95 2.31 16.74
CA LYS A 29 14.96 3.32 17.03
C LYS A 29 14.40 4.72 16.83
N LYS A 30 13.67 4.95 15.74
CA LYS A 30 13.27 6.30 15.42
C LYS A 30 12.20 6.83 16.37
N TYR A 31 11.30 5.95 16.86
CA TYR A 31 10.16 6.35 17.68
C TYR A 31 10.22 5.66 19.03
N PRO A 32 11.06 6.15 19.95
CA PRO A 32 11.33 5.40 21.18
C PRO A 32 10.16 5.30 22.14
N ASP A 33 9.14 6.15 22.05
CA ASP A 33 8.01 6.09 22.98
C ASP A 33 6.75 5.53 22.33
N ARG A 34 6.89 4.91 21.18
CA ARG A 34 5.74 4.28 20.50
C ARG A 34 6.14 2.89 20.07
N VAL A 35 5.12 2.08 19.77
CA VAL A 35 5.34 0.74 19.22
C VAL A 35 4.53 0.55 17.95
N PRO A 36 5.07 -0.18 16.97
CA PRO A 36 4.37 -0.41 15.70
C PRO A 36 3.36 -1.54 15.80
N VAL A 37 2.14 -1.26 15.40
CA VAL A 37 0.99 -2.11 15.61
C VAL A 37 0.19 -2.23 14.33
N ILE A 38 -0.14 -3.46 13.95
CA ILE A 38 -1.07 -3.69 12.84
C ILE A 38 -2.40 -4.06 13.44
N VAL A 39 -3.50 -3.43 13.00
CA VAL A 39 -4.85 -3.75 13.49
C VAL A 39 -5.70 -4.13 12.30
N GLU A 40 -6.24 -5.34 12.34
CA GLU A 40 -7.10 -5.83 11.25
C GLU A 40 -8.33 -6.50 11.81
N LYS A 41 -9.39 -6.49 10.98
CA LYS A 41 -10.65 -7.15 11.33
C LYS A 41 -10.45 -8.65 11.19
N ALA A 42 -10.94 -9.39 12.17
CA ALA A 42 -11.04 -10.84 12.00
C ALA A 42 -11.96 -11.13 10.81
N PRO A 43 -11.65 -12.14 10.01
CA PRO A 43 -12.42 -12.36 8.77
C PRO A 43 -13.92 -12.58 8.95
N LYS A 44 -14.37 -13.20 10.04
CA LYS A 44 -15.82 -13.37 10.20
C LYS A 44 -16.48 -12.25 11.00
N ALA A 45 -15.71 -11.25 11.39
CA ALA A 45 -16.33 -10.20 12.18
C ALA A 45 -17.38 -9.49 11.34
N ARG A 46 -18.48 -9.13 11.99
CA ARG A 46 -19.52 -8.33 11.38
C ARG A 46 -19.38 -6.90 11.88
N VAL A 47 -18.26 -6.32 11.47
CA VAL A 47 -17.85 -4.99 11.88
C VAL A 47 -17.27 -4.30 10.66
N PRO A 48 -17.35 -2.98 10.59
CA PRO A 48 -16.69 -2.31 9.46
C PRO A 48 -15.19 -2.52 9.49
N ASP A 49 -14.56 -2.50 8.32
CA ASP A 49 -13.11 -2.47 8.28
C ASP A 49 -12.59 -1.08 8.65
N LEU A 50 -11.33 -1.04 9.08
CA LEU A 50 -10.61 0.22 9.27
C LEU A 50 -10.06 0.76 7.97
N ASP A 51 -10.07 2.08 7.82
CA ASP A 51 -9.40 2.68 6.68
C ASP A 51 -7.90 2.53 6.78
N LYS A 52 -7.36 2.53 8.00
CA LYS A 52 -5.92 2.45 8.24
CA LYS A 52 -5.92 2.45 8.24
C LYS A 52 -5.65 1.28 9.17
N ARG A 53 -4.64 0.46 8.83
CA ARG A 53 -4.31 -0.71 9.65
C ARG A 53 -2.95 -0.61 10.31
N LYS A 54 -2.14 0.35 9.94
CA LYS A 54 -0.75 0.41 10.37
C LYS A 54 -0.52 1.65 11.26
N TYR A 55 -0.14 1.41 12.50
CA TYR A 55 -0.08 2.47 13.51
C TYR A 55 1.25 2.50 14.24
N LEU A 56 1.66 3.71 14.65
CA LEU A 56 2.67 3.85 15.71
C LEU A 56 1.94 4.34 16.94
N VAL A 57 1.95 3.53 18.01
CA VAL A 57 1.05 3.71 19.15
C VAL A 57 1.89 4.07 20.38
N PRO A 58 1.57 5.14 21.13
CA PRO A 58 2.32 5.42 22.36
C PRO A 58 2.37 4.21 23.30
N SER A 59 3.58 3.89 23.77
CA SER A 59 3.77 2.75 24.65
C SER A 59 3.02 2.91 25.96
N ASP A 60 2.83 4.15 26.42
CA ASP A 60 2.17 4.33 27.71
C ASP A 60 0.66 4.25 27.65
N LEU A 61 0.09 4.19 26.45
CA LEU A 61 -1.37 4.14 26.31
C LEU A 61 -1.83 2.75 26.76
N THR A 62 -2.88 2.69 27.57
CA THR A 62 -3.33 1.33 27.93
C THR A 62 -4.05 0.67 26.75
N VAL A 63 -4.14 -0.64 26.82
CA VAL A 63 -4.91 -1.42 25.85
C VAL A 63 -6.35 -0.94 25.83
N GLY A 64 -6.91 -0.66 27.01
CA GLY A 64 -8.25 -0.13 27.08
C GLY A 64 -8.42 1.18 26.32
N GLN A 65 -7.50 2.12 26.54
CA GLN A 65 -7.57 3.38 25.79
C GLN A 65 -7.38 3.15 24.30
N PHE A 66 -6.49 2.24 23.90
CA PHE A 66 -6.30 1.97 22.48
C PHE A 66 -7.55 1.36 21.86
N TYR A 67 -8.26 0.57 22.63
CA TYR A 67 -9.52 0.00 22.24
C TYR A 67 -10.54 1.09 21.91
N PHE A 68 -10.68 2.11 22.77
CA PHE A 68 -11.64 3.17 22.51
C PHE A 68 -11.22 3.96 21.31
N LEU A 69 -9.90 4.11 21.09
CA LEU A 69 -9.46 4.84 19.90
C LEU A 69 -9.85 4.07 18.64
N ILE A 70 -9.65 2.75 18.62
CA ILE A 70 -9.98 1.93 17.46
C ILE A 70 -11.51 1.85 17.23
N ARG A 71 -12.31 1.73 18.30
CA ARG A 71 -13.78 1.79 18.16
C ARG A 71 -14.19 3.06 17.43
N LYS A 72 -13.56 4.20 17.78
CA LYS A 72 -13.91 5.47 17.15
C LYS A 72 -13.53 5.46 15.68
N ARG A 73 -12.39 4.85 15.34
CA ARG A 73 -11.95 4.86 13.95
CA ARG A 73 -11.94 4.86 13.96
C ARG A 73 -12.74 3.91 13.07
N ILE A 74 -13.36 2.88 13.66
CA ILE A 74 -14.25 1.97 12.92
C ILE A 74 -15.60 2.63 12.70
N HIS A 75 -15.90 3.69 13.46
CA HIS A 75 -17.21 4.35 13.49
C HIS A 75 -18.31 3.44 14.04
N LEU A 76 -17.96 2.66 15.09
CA LEU A 76 -18.94 1.78 15.71
C LEU A 76 -19.98 2.61 16.45
N ARG A 77 -21.20 2.08 16.52
CA ARG A 77 -22.23 2.63 17.39
C ARG A 77 -22.06 2.08 18.82
N PRO A 78 -22.61 2.78 19.82
CA PRO A 78 -22.45 2.29 21.21
C PRO A 78 -22.98 0.88 21.41
N GLU A 79 -23.97 0.44 20.63
CA GLU A 79 -24.55 -0.89 20.84
CA GLU A 79 -24.55 -0.89 20.84
C GLU A 79 -23.73 -2.01 20.21
N ASP A 80 -22.70 -1.69 19.44
CA ASP A 80 -21.90 -2.71 18.78
C ASP A 80 -20.82 -3.21 19.73
N ALA A 81 -20.77 -4.52 19.95
CA ALA A 81 -19.66 -5.09 20.71
C ALA A 81 -18.36 -5.09 19.91
N LEU A 82 -17.23 -5.02 20.62
CA LEU A 82 -15.96 -5.19 19.95
C LEU A 82 -15.00 -5.84 20.96
N PHE A 83 -14.20 -6.75 20.45
CA PHE A 83 -13.17 -7.43 21.26
C PHE A 83 -11.86 -7.43 20.48
N PHE A 84 -10.72 -7.35 21.16
CA PHE A 84 -9.40 -7.54 20.57
C PHE A 84 -8.87 -8.94 20.84
N PHE A 85 -8.05 -9.44 19.91
CA PHE A 85 -7.28 -10.67 20.03
C PHE A 85 -5.85 -10.46 19.66
N VAL A 86 -4.96 -10.93 20.53
CA VAL A 86 -3.52 -10.85 20.34
C VAL A 86 -2.97 -12.23 20.61
N ASN A 87 -2.34 -12.86 19.60
CA ASN A 87 -1.88 -14.26 19.76
C ASN A 87 -2.99 -15.16 20.29
N ASN A 88 -4.18 -14.99 19.75
CA ASN A 88 -5.35 -15.82 20.02
C ASN A 88 -5.96 -15.60 21.40
N THR A 89 -5.58 -14.56 22.15
CA THR A 89 -6.25 -14.29 23.41
C THR A 89 -6.66 -12.83 23.52
N ILE A 90 -7.72 -12.61 24.29
CA ILE A 90 -8.24 -11.28 24.55
C ILE A 90 -7.38 -10.61 25.62
N PRO A 91 -6.72 -9.50 25.32
CA PRO A 91 -5.76 -8.91 26.27
C PRO A 91 -6.46 -8.16 27.39
N PRO A 92 -5.78 -7.96 28.53
CA PRO A 92 -6.36 -7.15 29.61
C PRO A 92 -6.35 -5.66 29.29
N THR A 93 -7.39 -4.97 29.72
CA THR A 93 -7.51 -3.56 29.39
C THR A 93 -6.51 -2.70 30.14
N SER A 94 -6.02 -3.16 31.30
CA SER A 94 -5.12 -2.37 32.12
CA SER A 94 -5.13 -2.36 32.12
C SER A 94 -3.67 -2.42 31.68
N ALA A 95 -3.29 -3.39 30.84
CA ALA A 95 -1.90 -3.44 30.40
C ALA A 95 -1.60 -2.23 29.53
N THR A 96 -0.36 -1.78 29.53
CA THR A 96 0.04 -0.74 28.59
C THR A 96 0.34 -1.35 27.24
N MET A 97 0.17 -0.55 26.17
CA MET A 97 0.54 -1.06 24.85
C MET A 97 2.01 -1.45 24.79
N GLY A 98 2.89 -0.75 25.53
CA GLY A 98 4.27 -1.18 25.57
C GLY A 98 4.48 -2.56 26.20
N GLN A 99 3.73 -2.86 27.26
CA GLN A 99 3.84 -4.18 27.89
C GLN A 99 3.24 -5.26 27.00
N LEU A 100 2.10 -4.95 26.35
CA LEU A 100 1.51 -5.89 25.40
C LEU A 100 2.45 -6.14 24.22
N TYR A 101 3.08 -5.09 23.72
CA TYR A 101 4.06 -5.25 22.65
C TYR A 101 5.21 -6.16 23.10
N GLU A 102 5.79 -5.85 24.28
CA GLU A 102 6.94 -6.62 24.75
C GLU A 102 6.60 -8.12 24.84
N ASP A 103 5.39 -8.45 25.28
CA ASP A 103 5.00 -9.83 25.50
C ASP A 103 4.48 -10.52 24.25
N ASN A 104 4.23 -9.80 23.15
CA ASN A 104 3.51 -10.41 22.03
C ASN A 104 4.02 -10.07 20.63
N HIS A 105 4.95 -9.14 20.44
CA HIS A 105 5.36 -8.81 19.08
C HIS A 105 5.91 -10.02 18.35
N GLU A 106 5.77 -9.99 17.01
CA GLU A 106 6.25 -11.07 16.16
C GLU A 106 7.72 -10.86 15.76
N GLU A 107 8.24 -11.73 14.88
CA GLU A 107 9.64 -11.69 14.47
C GLU A 107 9.97 -10.51 13.56
N ASP A 108 8.99 -9.82 13.03
CA ASP A 108 9.26 -8.60 12.28
C ASP A 108 9.22 -7.36 13.17
N TYR A 109 9.08 -7.55 14.48
CA TYR A 109 9.02 -6.48 15.47
C TYR A 109 7.71 -5.70 15.42
N PHE A 110 6.68 -6.25 14.77
CA PHE A 110 5.35 -5.67 14.80
C PHE A 110 4.47 -6.42 15.81
N LEU A 111 3.56 -5.69 16.46
CA LEU A 111 2.47 -6.28 17.24
C LEU A 111 1.23 -6.37 16.36
N TYR A 112 0.52 -7.51 16.38
CA TYR A 112 -0.64 -7.72 15.51
C TYR A 112 -1.87 -7.90 16.38
N VAL A 113 -2.88 -7.06 16.16
CA VAL A 113 -4.11 -7.05 16.93
C VAL A 113 -5.26 -7.32 15.96
N ALA A 114 -6.07 -8.35 16.23
CA ALA A 114 -7.29 -8.50 15.44
C ALA A 114 -8.49 -8.02 16.24
N TYR A 115 -9.55 -7.63 15.54
CA TYR A 115 -10.76 -7.24 16.25
C TYR A 115 -11.97 -7.96 15.69
N SER A 116 -12.96 -8.15 16.55
CA SER A 116 -14.18 -8.84 16.14
C SER A 116 -15.36 -8.38 16.98
N ASP A 117 -16.57 -8.59 16.44
CA ASP A 117 -17.74 -8.30 17.24
C ASP A 117 -18.09 -9.44 18.20
N GLU A 118 -17.42 -10.58 18.11
CA GLU A 118 -17.64 -11.70 19.00
C GLU A 118 -16.35 -12.07 19.72
N SER A 119 -16.50 -12.69 20.90
CA SER A 119 -15.32 -12.97 21.71
C SER A 119 -14.63 -14.26 21.30
N VAL A 120 -14.84 -14.70 20.06
CA VAL A 120 -14.14 -15.84 19.48
C VAL A 120 -13.50 -15.39 18.17
N TYR A 121 -12.30 -15.91 17.91
CA TYR A 121 -11.52 -15.55 16.73
C TYR A 121 -11.25 -16.81 15.92
N GLY A 122 -11.34 -16.68 14.60
CA GLY A 122 -10.89 -17.73 13.71
C GLY A 122 -11.59 -19.06 13.84
N LYS A 123 -12.84 -19.08 14.33
CA LYS A 123 -13.64 -20.32 14.37
C LYS A 123 -14.68 -20.33 13.26
N MET B 7 12.21 9.73 -7.49
CA MET B 7 12.05 8.83 -6.35
C MET B 7 10.58 8.42 -6.12
N LYS B 8 9.77 9.35 -5.64
CA LYS B 8 8.48 9.04 -5.01
C LYS B 8 7.32 9.40 -5.92
N PHE B 9 6.40 8.44 -6.12
CA PHE B 9 5.21 8.65 -6.91
C PHE B 9 4.08 9.21 -6.06
N GLN B 10 3.45 10.27 -6.56
CA GLN B 10 2.32 10.87 -5.84
C GLN B 10 1.15 9.92 -5.73
N TYR B 11 0.96 9.02 -6.72
CA TYR B 11 -0.08 8.01 -6.59
C TYR B 11 0.07 7.24 -5.29
N LYS B 12 1.32 6.98 -4.87
CA LYS B 12 1.54 6.21 -3.65
C LYS B 12 1.28 7.01 -2.37
N GLU B 13 1.40 8.34 -2.40
CA GLU B 13 1.03 9.09 -1.18
C GLU B 13 -0.46 9.34 -1.08
N ASP B 14 -1.20 9.26 -2.19
CA ASP B 14 -2.64 9.50 -2.16
C ASP B 14 -3.42 8.29 -1.69
N HIS B 15 -3.03 7.10 -2.14
CA HIS B 15 -3.77 5.91 -1.79
C HIS B 15 -2.99 5.12 -0.77
N PRO B 16 -3.54 4.82 0.40
CA PRO B 16 -2.89 3.85 1.27
C PRO B 16 -2.59 2.61 0.46
N PHE B 17 -1.46 1.99 0.74
CA PHE B 17 -1.08 0.73 0.15
C PHE B 17 -2.29 -0.20 0.06
N GLU B 18 -3.15 -0.16 1.08
CA GLU B 18 -4.36 -0.98 1.08
C GLU B 18 -5.35 -0.50 0.01
N TYR B 19 -5.45 0.81 -0.22
CA TYR B 19 -6.44 1.33 -1.17
C TYR B 19 -5.96 1.23 -2.62
N ARG B 20 -4.65 1.27 -2.84
CA ARG B 20 -4.20 1.06 -4.21
C ARG B 20 -4.09 -0.42 -4.53
N LYS B 21 -3.70 -1.25 -3.55
CA LYS B 21 -3.68 -2.68 -3.78
C LYS B 21 -5.08 -3.24 -4.01
N LYS B 22 -6.09 -2.70 -3.30
CA LYS B 22 -7.46 -3.09 -3.58
C LYS B 22 -7.80 -2.88 -5.05
N GLU B 23 -7.49 -1.68 -5.56
CA GLU B 23 -7.75 -1.39 -6.96
C GLU B 23 -6.95 -2.33 -7.86
N GLY B 24 -5.70 -2.63 -7.47
CA GLY B 24 -4.85 -3.47 -8.31
C GLY B 24 -5.36 -4.90 -8.42
N GLU B 25 -5.68 -5.52 -7.27
CA GLU B 25 -6.14 -6.90 -7.29
C GLU B 25 -7.45 -7.04 -8.08
N LYS B 26 -8.38 -6.10 -7.91
CA LYS B 26 -9.69 -6.20 -8.55
C LYS B 26 -9.63 -5.87 -10.03
N ILE B 27 -8.57 -5.20 -10.49
CA ILE B 27 -8.50 -4.85 -11.89
C ILE B 27 -7.81 -5.93 -12.72
N ARG B 28 -6.94 -6.73 -12.09
CA ARG B 28 -6.29 -7.83 -12.79
C ARG B 28 -7.29 -8.90 -13.21
N LYS B 29 -8.29 -9.16 -12.36
CA LYS B 29 -9.30 -10.16 -12.67
C LYS B 29 -10.32 -9.62 -13.67
N LYS B 30 -10.65 -8.33 -13.57
CA LYS B 30 -11.70 -7.76 -14.40
C LYS B 30 -11.22 -7.50 -15.83
N TYR B 31 -9.94 -7.22 -16.02
CA TYR B 31 -9.37 -6.90 -17.31
C TYR B 31 -8.18 -7.81 -17.53
N PRO B 32 -8.44 -9.07 -17.87
CA PRO B 32 -7.41 -10.10 -17.86
C PRO B 32 -6.37 -9.95 -18.94
N ASP B 33 -6.59 -9.12 -19.96
CA ASP B 33 -5.61 -8.94 -21.02
CA ASP B 33 -5.60 -8.93 -21.01
C ASP B 33 -4.93 -7.57 -20.94
N ARG B 34 -5.11 -6.86 -19.84
CA ARG B 34 -4.44 -5.59 -19.63
C ARG B 34 -3.76 -5.61 -18.28
N VAL B 35 -2.81 -4.67 -18.11
CA VAL B 35 -2.12 -4.50 -16.85
C VAL B 35 -2.27 -3.06 -16.35
N PRO B 36 -2.28 -2.87 -15.04
CA PRO B 36 -2.48 -1.54 -14.45
C PRO B 36 -1.15 -0.81 -14.29
N VAL B 37 -1.07 0.39 -14.84
CA VAL B 37 0.18 1.12 -14.95
C VAL B 37 -0.07 2.54 -14.48
N ILE B 38 0.83 3.04 -13.57
CA ILE B 38 0.82 4.44 -13.15
C ILE B 38 1.98 5.09 -13.89
N VAL B 39 1.72 6.24 -14.52
CA VAL B 39 2.75 6.97 -15.28
C VAL B 39 2.81 8.39 -14.72
N GLU B 40 3.99 8.81 -14.27
CA GLU B 40 4.18 10.12 -13.66
C GLU B 40 5.47 10.75 -14.17
N LYS B 41 5.45 12.09 -14.21
CA LYS B 41 6.60 12.84 -14.68
C LYS B 41 7.69 12.80 -13.62
N ALA B 42 8.91 12.55 -14.06
CA ALA B 42 10.06 12.70 -13.18
C ALA B 42 10.13 14.15 -12.68
N PRO B 43 10.46 14.37 -11.42
CA PRO B 43 10.47 15.74 -10.86
C PRO B 43 11.17 16.81 -11.70
N LYS B 44 12.36 16.52 -12.22
CA LYS B 44 13.17 17.51 -12.92
C LYS B 44 12.95 17.48 -14.42
N ALA B 45 11.97 16.69 -14.87
CA ALA B 45 11.70 16.64 -16.30
C ALA B 45 11.22 18.00 -16.77
N ARG B 46 11.71 18.41 -17.94
CA ARG B 46 11.25 19.64 -18.59
C ARG B 46 10.26 19.30 -19.68
N VAL B 47 9.23 18.54 -19.33
CA VAL B 47 8.19 18.15 -20.27
C VAL B 47 6.86 18.33 -19.57
N PRO B 48 5.76 18.41 -20.31
CA PRO B 48 4.49 18.69 -19.66
C PRO B 48 4.06 17.57 -18.73
N ASP B 49 3.28 17.98 -17.73
CA ASP B 49 2.64 17.03 -16.86
C ASP B 49 1.60 16.27 -17.66
N LEU B 50 1.32 15.06 -17.22
CA LEU B 50 0.40 14.17 -17.89
C LEU B 50 -0.95 14.28 -17.17
N ASP B 51 -2.03 14.40 -17.94
CA ASP B 51 -3.32 14.71 -17.34
C ASP B 51 -3.88 13.53 -16.55
N LYS B 52 -3.74 12.33 -17.07
CA LYS B 52 -4.17 11.14 -16.37
C LYS B 52 -2.98 10.25 -16.06
N ARG B 53 -2.92 9.73 -14.86
CA ARG B 53 -1.78 8.96 -14.42
C ARG B 53 -2.00 7.47 -14.42
N LYS B 54 -3.24 7.00 -14.56
CA LYS B 54 -3.57 5.60 -14.33
CA LYS B 54 -3.60 5.60 -14.33
C LYS B 54 -4.11 4.98 -15.62
N TYR B 55 -3.46 3.90 -16.04
CA TYR B 55 -3.77 3.27 -17.31
C TYR B 55 -4.02 1.81 -17.12
N LEU B 56 -4.90 1.26 -17.98
CA LEU B 56 -5.03 -0.20 -18.18
C LEU B 56 -4.49 -0.45 -19.58
N VAL B 57 -3.36 -1.13 -19.66
CA VAL B 57 -2.56 -1.23 -20.86
C VAL B 57 -2.60 -2.66 -21.36
N PRO B 58 -2.90 -2.91 -22.64
CA PRO B 58 -2.87 -4.28 -23.15
C PRO B 58 -1.52 -4.94 -22.94
N SER B 59 -1.56 -6.16 -22.43
CA SER B 59 -0.35 -6.92 -22.15
CA SER B 59 -0.32 -6.87 -22.14
C SER B 59 0.52 -7.08 -23.39
N ASP B 60 -0.09 -7.15 -24.57
CA ASP B 60 0.68 -7.39 -25.78
C ASP B 60 1.24 -6.11 -26.40
N LEU B 61 0.83 -4.95 -25.91
CA LEU B 61 1.39 -3.72 -26.48
C LEU B 61 2.87 -3.64 -26.14
N THR B 62 3.72 -3.20 -27.06
CA THR B 62 5.12 -3.15 -26.67
C THR B 62 5.41 -1.85 -25.92
N VAL B 63 6.53 -1.88 -25.18
CA VAL B 63 6.98 -0.66 -24.50
C VAL B 63 7.15 0.47 -25.52
N GLY B 64 7.70 0.14 -26.70
CA GLY B 64 7.87 1.15 -27.72
C GLY B 64 6.55 1.74 -28.19
N GLN B 65 5.52 0.91 -28.36
CA GLN B 65 4.20 1.43 -28.69
C GLN B 65 3.63 2.27 -27.55
N PHE B 66 3.79 1.83 -26.30
CA PHE B 66 3.32 2.61 -25.15
C PHE B 66 4.01 3.97 -25.10
N TYR B 67 5.31 3.95 -25.42
CA TYR B 67 6.09 5.16 -25.49
CA TYR B 67 6.11 5.17 -25.53
C TYR B 67 5.45 6.16 -26.46
N PHE B 68 5.08 5.71 -27.66
CA PHE B 68 4.51 6.62 -28.64
C PHE B 68 3.18 7.18 -28.16
N LEU B 69 2.38 6.35 -27.47
CA LEU B 69 1.11 6.80 -26.91
C LEU B 69 1.32 7.87 -25.86
N ILE B 70 2.33 7.69 -24.99
CA ILE B 70 2.52 8.64 -23.92
C ILE B 70 3.07 9.95 -24.49
N ARG B 71 3.96 9.86 -25.48
CA ARG B 71 4.46 11.09 -26.11
C ARG B 71 3.31 11.91 -26.68
N LYS B 72 2.31 11.24 -27.28
CA LYS B 72 1.16 11.95 -27.84
C LYS B 72 0.30 12.58 -26.75
N ARG B 73 0.15 11.90 -25.60
CA ARG B 73 -0.71 12.40 -24.52
CA ARG B 73 -0.71 12.41 -24.53
C ARG B 73 -0.11 13.60 -23.81
N ILE B 74 1.21 13.78 -23.86
CA ILE B 74 1.82 14.98 -23.31
C ILE B 74 2.17 15.99 -24.37
N HIS B 75 1.79 15.74 -25.64
CA HIS B 75 1.87 16.74 -26.73
C HIS B 75 3.29 17.06 -27.17
N LEU B 76 4.18 16.08 -27.09
CA LEU B 76 5.56 16.30 -27.47
C LEU B 76 5.69 16.57 -28.96
N ARG B 77 6.64 17.45 -29.31
CA ARG B 77 7.07 17.63 -30.69
C ARG B 77 8.08 16.54 -31.05
N PRO B 78 8.29 16.25 -32.34
CA PRO B 78 9.20 15.15 -32.67
C PRO B 78 10.65 15.44 -32.27
N GLU B 79 11.00 16.70 -32.09
CA GLU B 79 12.34 17.05 -31.63
C GLU B 79 12.52 16.90 -30.12
N ASP B 80 11.45 16.59 -29.39
CA ASP B 80 11.52 16.42 -27.94
C ASP B 80 11.89 14.99 -27.60
N ALA B 81 12.94 14.82 -26.80
CA ALA B 81 13.27 13.51 -26.30
C ALA B 81 12.37 13.13 -25.14
N LEU B 82 12.15 11.83 -24.98
CA LEU B 82 11.48 11.29 -23.81
C LEU B 82 12.05 9.91 -23.53
N PHE B 83 12.27 9.63 -22.24
CA PHE B 83 12.74 8.34 -21.77
C PHE B 83 11.82 7.85 -20.64
N PHE B 84 11.63 6.53 -20.54
CA PHE B 84 10.89 5.92 -19.43
C PHE B 84 11.87 5.30 -18.44
N PHE B 85 11.49 5.29 -17.17
CA PHE B 85 12.22 4.59 -16.12
C PHE B 85 11.28 3.69 -15.34
N VAL B 86 11.70 2.45 -15.15
CA VAL B 86 10.95 1.51 -14.33
C VAL B 86 11.96 0.91 -13.36
N ASN B 87 11.70 1.05 -12.07
CA ASN B 87 12.68 0.61 -11.07
C ASN B 87 14.09 1.07 -11.44
N ASN B 88 14.21 2.35 -11.79
CA ASN B 88 15.50 3.01 -12.00
C ASN B 88 16.19 2.62 -13.31
N THR B 89 15.57 1.78 -14.14
CA THR B 89 16.19 1.39 -15.40
C THR B 89 15.30 1.75 -16.56
N ILE B 90 15.93 1.99 -17.71
CA ILE B 90 15.20 2.34 -18.93
C ILE B 90 14.84 1.04 -19.66
N PRO B 91 13.58 0.76 -19.87
CA PRO B 91 13.19 -0.56 -20.41
C PRO B 91 13.42 -0.61 -21.91
N PRO B 92 13.66 -1.81 -22.45
CA PRO B 92 13.84 -1.95 -23.90
C PRO B 92 12.50 -1.78 -24.60
N THR B 93 12.56 -1.20 -25.80
CA THR B 93 11.33 -0.88 -26.50
C THR B 93 10.63 -2.12 -27.04
N SER B 94 11.37 -3.22 -27.17
CA SER B 94 10.85 -4.45 -27.72
C SER B 94 10.11 -5.30 -26.70
N ALA B 95 10.23 -5.00 -25.41
CA ALA B 95 9.50 -5.82 -24.44
C ALA B 95 8.01 -5.53 -24.54
N THR B 96 7.19 -6.54 -24.23
CA THR B 96 5.76 -6.26 -24.07
C THR B 96 5.48 -5.64 -22.72
N MET B 97 4.41 -4.86 -22.62
CA MET B 97 4.01 -4.28 -21.35
C MET B 97 3.63 -5.37 -20.35
N GLY B 98 3.11 -6.51 -20.84
CA GLY B 98 2.83 -7.62 -19.96
C GLY B 98 4.09 -8.18 -19.34
N GLN B 99 5.14 -8.33 -20.15
CA GLN B 99 6.41 -8.79 -19.61
C GLN B 99 6.99 -7.76 -18.66
N LEU B 100 6.92 -6.49 -19.03
CA LEU B 100 7.48 -5.47 -18.15
C LEU B 100 6.77 -5.48 -16.80
N TYR B 101 5.47 -5.66 -16.82
CA TYR B 101 4.65 -5.75 -15.62
C TYR B 101 5.03 -6.98 -14.79
N GLU B 102 5.12 -8.14 -15.45
CA GLU B 102 5.49 -9.36 -14.74
C GLU B 102 6.82 -9.20 -13.99
N ASP B 103 7.80 -8.52 -14.64
CA ASP B 103 9.12 -8.35 -14.05
C ASP B 103 9.23 -7.20 -13.06
N ASN B 104 8.27 -6.24 -13.07
CA ASN B 104 8.49 -5.02 -12.30
C ASN B 104 7.33 -4.55 -11.45
N HIS B 105 6.15 -5.18 -11.49
CA HIS B 105 5.05 -4.69 -10.67
C HIS B 105 5.45 -4.67 -9.20
N GLU B 106 4.91 -3.72 -8.47
CA GLU B 106 5.17 -3.62 -7.05
C GLU B 106 4.18 -4.48 -6.29
N GLU B 107 4.20 -4.36 -4.96
CA GLU B 107 3.35 -5.21 -4.12
CA GLU B 107 3.36 -5.19 -4.10
C GLU B 107 1.88 -4.82 -4.19
N ASP B 108 1.55 -3.62 -4.64
CA ASP B 108 0.15 -3.23 -4.84
C ASP B 108 -0.38 -3.67 -6.21
N TYR B 109 0.36 -4.50 -6.96
CA TYR B 109 -0.02 -5.00 -8.27
C TYR B 109 -0.05 -3.95 -9.35
N PHE B 110 0.54 -2.78 -9.10
CA PHE B 110 0.69 -1.73 -10.12
C PHE B 110 2.11 -1.73 -10.67
N LEU B 111 2.23 -1.45 -11.95
CA LEU B 111 3.54 -1.14 -12.53
C LEU B 111 3.67 0.38 -12.54
N TYR B 112 4.85 0.89 -12.10
CA TYR B 112 5.11 2.32 -12.02
C TYR B 112 6.14 2.72 -13.07
N VAL B 113 5.78 3.69 -13.92
CA VAL B 113 6.65 4.20 -15.00
C VAL B 113 6.87 5.69 -14.76
N ALA B 114 8.14 6.11 -14.61
CA ALA B 114 8.40 7.54 -14.64
C ALA B 114 8.92 7.96 -16.01
N TYR B 115 8.69 9.23 -16.38
CA TYR B 115 9.19 9.74 -17.65
C TYR B 115 9.98 11.03 -17.48
N SER B 116 10.93 11.23 -18.38
CA SER B 116 11.76 12.44 -18.31
C SER B 116 12.27 12.79 -19.70
N ASP B 117 12.72 14.04 -19.87
CA ASP B 117 13.31 14.37 -21.16
C ASP B 117 14.79 13.99 -21.24
N GLU B 118 15.40 13.61 -20.11
CA GLU B 118 16.80 13.21 -20.11
C GLU B 118 16.90 11.79 -19.60
N SER B 119 17.98 11.11 -19.98
CA SER B 119 18.14 9.69 -19.71
C SER B 119 18.67 9.41 -18.31
N VAL B 120 18.46 10.36 -17.39
CA VAL B 120 18.82 10.21 -15.98
C VAL B 120 17.61 10.57 -15.15
N TYR B 121 17.40 9.83 -14.05
CA TYR B 121 16.25 9.98 -13.18
C TYR B 121 16.71 10.31 -11.78
N GLY B 122 15.99 11.21 -11.11
CA GLY B 122 16.22 11.53 -9.72
C GLY B 122 17.62 11.97 -9.41
N GLU C 1 9.25 2.68 3.49
CA GLU C 1 8.37 1.55 3.26
C GLU C 1 7.04 1.94 2.64
N ASP C 2 6.47 0.97 1.90
CA ASP C 2 5.43 1.24 0.92
C ASP C 2 4.11 1.65 1.56
N GLU C 3 3.89 1.33 2.83
CA GLU C 3 2.66 1.67 3.52
C GLU C 3 2.98 2.60 4.68
N ASP C 4 2.31 3.75 4.73
CA ASP C 4 2.60 4.74 5.76
C ASP C 4 2.05 4.30 7.11
N PHE C 5 2.75 4.67 8.17
CA PHE C 5 2.21 4.57 9.51
C PHE C 5 1.28 5.73 9.79
N GLU C 6 0.24 5.47 10.56
CA GLU C 6 -0.54 6.52 11.19
CA GLU C 6 -0.55 6.51 11.20
C GLU C 6 0.08 6.70 12.57
N ILE C 7 0.66 7.87 12.80
CA ILE C 7 1.37 8.15 14.05
C ILE C 7 0.36 8.73 15.02
N LEU C 8 0.06 7.99 16.06
CA LEU C 8 -0.91 8.45 17.03
C LEU C 8 -0.27 9.35 18.04
N LEU C 10 0.98 11.20 21.33
CA LEU C 10 1.54 10.69 22.59
C LEU C 10 0.52 10.66 23.72
N GLU D 3 -10.50 5.74 -7.57
CA GLU D 3 -9.80 6.35 -8.69
C GLU D 3 -9.85 5.48 -9.95
N ASP D 4 -10.34 6.04 -11.05
CA ASP D 4 -10.67 5.35 -12.30
C ASP D 4 -9.43 5.15 -13.19
N PHE D 5 -9.55 4.27 -14.17
CA PHE D 5 -8.47 3.99 -15.11
C PHE D 5 -8.77 4.56 -16.48
N GLU D 6 -7.70 4.76 -17.23
CA GLU D 6 -7.77 5.11 -18.65
C GLU D 6 -7.50 3.83 -19.41
N ILE D 7 -8.51 3.29 -20.09
CA ILE D 7 -8.44 1.96 -20.66
C ILE D 7 -7.93 2.11 -22.10
N LEU D 8 -6.77 1.56 -22.38
CA LEU D 8 -6.21 1.65 -23.72
C LEU D 8 -6.63 0.51 -24.65
N LEU D 10 -5.59 -1.98 -28.12
CA LEU D 10 -4.40 -2.68 -28.56
C LEU D 10 -4.06 -2.32 -30.00
#